data_6DBZ
#
_entry.id   6DBZ
#
_cell.length_a   36.050
_cell.length_b   72.751
_cell.length_c   116.390
_cell.angle_alpha   90.00
_cell.angle_beta   90.00
_cell.angle_gamma   90.00
#
_symmetry.space_group_name_H-M   'P 21 21 21'
#
loop_
_entity.id
_entity.type
_entity.pdbx_description
1 polymer 'Nudix hydrolase 1'
2 non-polymer 'ISOPENTYL PYROPHOSPHATE'
3 non-polymer 'MAGNESIUM ION'
4 water water
#
_entity_poly.entity_id   1
_entity_poly.type   'polypeptide(L)'
_entity_poly.pdbx_seq_one_letter_code
;GSHMSTGEAIPRVAVVVFILNGNSILLGRRRSSIGNSTFALPGGHLEFGESFEECAAREVMEETGLKIEKMKLLTVTNNV
FKEAPTPSHYVSVSIRAVLVDPSQEPKNMEPEKCEGWDWYDWENLPKPLFWPLEKLFGSGFNPFTHGGGD
;
_entity_poly.pdbx_strand_id   A,B
#
loop_
_chem_comp.id
_chem_comp.type
_chem_comp.name
_chem_comp.formula
IPR non-polymer 'ISOPENTYL PYROPHOSPHATE' 'C5 H14 O7 P2'
MG non-polymer 'MAGNESIUM ION' 'Mg 2'
#
# COMPACT_ATOMS: atom_id res chain seq x y z
N ALA A 9 -1.11 -9.82 16.03
CA ALA A 9 -0.12 -8.74 16.01
C ALA A 9 0.69 -8.76 14.70
N ILE A 10 0.00 -8.55 13.60
CA ILE A 10 0.61 -8.37 12.27
C ILE A 10 0.18 -6.99 11.76
N PRO A 11 0.88 -6.48 10.75
CA PRO A 11 0.36 -5.26 10.09
C PRO A 11 -0.97 -5.58 9.40
N ARG A 12 -1.89 -4.61 9.47
CA ARG A 12 -3.24 -4.71 8.93
C ARG A 12 -3.49 -3.58 7.94
N VAL A 13 -4.30 -3.85 6.92
CA VAL A 13 -4.50 -2.91 5.82
C VAL A 13 -5.75 -2.10 6.08
N ALA A 14 -5.61 -0.79 5.97
CA ALA A 14 -6.72 0.15 6.04
C ALA A 14 -6.72 0.89 4.74
N VAL A 15 -7.91 1.30 4.28
CA VAL A 15 -8.03 2.22 3.17
C VAL A 15 -8.63 3.51 3.73
N VAL A 16 -8.07 4.66 3.33
CA VAL A 16 -8.58 5.96 3.73
C VAL A 16 -8.84 6.75 2.44
N VAL A 17 -9.86 7.59 2.48
CA VAL A 17 -10.38 8.23 1.29
C VAL A 17 -10.33 9.75 1.42
N PHE A 18 -9.61 10.37 0.50
CA PHE A 18 -9.67 11.81 0.23
C PHE A 18 -10.83 12.08 -0.75
N ILE A 19 -11.94 12.60 -0.23
CA ILE A 19 -13.06 12.99 -1.09
C ILE A 19 -12.85 14.45 -1.43
N LEU A 20 -12.44 14.69 -2.67
CA LEU A 20 -12.10 16.02 -3.16
C LEU A 20 -13.35 16.71 -3.64
N ASN A 21 -13.71 17.79 -2.97
CA ASN A 21 -14.95 18.50 -3.22
C ASN A 21 -14.57 19.98 -3.32
N GLY A 22 -14.48 20.50 -4.55
CA GLY A 22 -13.97 21.84 -4.74
C GLY A 22 -12.51 21.88 -4.31
N ASN A 23 -12.21 22.70 -3.29
CA ASN A 23 -10.87 22.83 -2.72
C ASN A 23 -10.82 22.21 -1.34
N SER A 24 -11.78 21.33 -1.05
CA SER A 24 -12.01 20.85 0.29
C SER A 24 -11.92 19.34 0.29
N ILE A 25 -11.66 18.79 1.48
CA ILE A 25 -11.69 17.36 1.76
C ILE A 25 -12.57 17.11 2.96
N LEU A 26 -13.00 15.87 3.10
CA LEU A 26 -13.88 15.49 4.20
C LEU A 26 -13.06 14.94 5.34
N LEU A 27 -13.27 15.53 6.53
CA LEU A 27 -12.62 15.11 7.75
C LEU A 27 -13.62 15.07 8.89
N GLY A 28 -13.32 14.25 9.87
CA GLY A 28 -14.10 14.26 11.09
C GLY A 28 -13.28 13.77 12.26
N ARG A 29 -13.75 14.09 13.48
CA ARG A 29 -13.00 13.75 14.70
C ARG A 29 -13.27 12.31 15.07
N ARG A 30 -12.19 11.57 15.28
CA ARG A 30 -12.33 10.18 15.69
C ARG A 30 -12.88 10.06 17.11
N ARG A 31 -13.63 8.97 17.33
CA ARG A 31 -14.02 8.49 18.65
C ARG A 31 -13.42 7.09 18.71
N SER A 32 -12.28 6.97 19.39
CA SER A 32 -11.42 5.80 19.18
C SER A 32 -10.43 5.68 20.33
N SER A 33 -10.00 4.44 20.57
CA SER A 33 -8.84 4.22 21.41
C SER A 33 -7.61 4.93 20.85
N ILE A 34 -7.52 5.06 19.52
CA ILE A 34 -6.34 5.54 18.82
C ILE A 34 -6.67 6.86 18.14
N GLY A 35 -5.89 7.89 18.46
CA GLY A 35 -6.10 9.20 17.84
C GLY A 35 -7.42 9.84 18.22
N ASN A 36 -7.88 9.60 19.44
CA ASN A 36 -9.18 10.11 19.86
C ASN A 36 -9.25 11.63 19.72
N SER A 37 -10.35 12.11 19.17
CA SER A 37 -10.65 13.52 18.98
C SER A 37 -9.86 14.16 17.84
N THR A 38 -8.95 13.46 17.16
CA THR A 38 -8.19 14.09 16.09
C THR A 38 -8.98 13.98 14.78
N PHE A 39 -8.74 14.91 13.87
CA PHE A 39 -9.38 14.90 12.57
C PHE A 39 -8.75 13.87 11.66
N ALA A 40 -9.60 13.04 11.08
CA ALA A 40 -9.15 11.97 10.22
C ALA A 40 -10.09 11.81 9.03
N LEU A 41 -9.64 11.06 8.06
CA LEU A 41 -10.38 10.81 6.85
C LEU A 41 -11.34 9.69 7.06
N PRO A 42 -12.40 9.61 6.28
CA PRO A 42 -13.17 8.36 6.28
C PRO A 42 -12.37 7.21 5.70
N GLY A 43 -12.64 6.03 6.22
CA GLY A 43 -11.98 4.84 5.74
C GLY A 43 -12.13 3.76 6.78
N GLY A 44 -11.45 2.64 6.53
CA GLY A 44 -11.50 1.53 7.45
C GLY A 44 -10.73 0.35 6.92
N HIS A 45 -11.01 -0.81 7.51
CA HIS A 45 -10.23 -2.01 7.21
C HIS A 45 -10.62 -2.59 5.87
N LEU A 46 -9.60 -2.98 5.10
CA LEU A 46 -9.81 -3.74 3.89
C LEU A 46 -10.27 -5.17 4.22
N GLU A 47 -11.39 -5.57 3.64
CA GLU A 47 -11.89 -6.92 3.80
C GLU A 47 -11.21 -7.90 2.85
N PHE A 48 -11.09 -9.14 3.30
CA PHE A 48 -10.56 -10.18 2.44
C PHE A 48 -11.33 -10.27 1.11
N GLY A 49 -10.59 -10.26 -0.01
CA GLY A 49 -11.17 -10.31 -1.35
C GLY A 49 -11.49 -8.99 -2.01
N GLU A 50 -11.50 -7.90 -1.25
CA GLU A 50 -12.01 -6.62 -1.66
C GLU A 50 -10.89 -5.83 -2.33
N SER A 51 -11.23 -5.16 -3.44
CA SER A 51 -10.31 -4.18 -4.03
C SER A 51 -10.26 -2.90 -3.20
N PHE A 52 -9.25 -2.08 -3.47
CA PHE A 52 -9.13 -0.81 -2.75
C PHE A 52 -10.33 0.07 -3.04
N GLU A 53 -10.77 0.09 -4.30
CA GLU A 53 -11.85 0.97 -4.74
C GLU A 53 -13.16 0.58 -4.09
N GLU A 54 -13.45 -0.73 -4.05
CA GLU A 54 -14.68 -1.20 -3.39
C GLU A 54 -14.65 -0.89 -1.91
N CYS A 55 -13.49 -1.06 -1.26
CA CYS A 55 -13.39 -0.78 0.17
C CYS A 55 -13.56 0.70 0.43
N ALA A 56 -13.01 1.51 -0.44
CA ALA A 56 -13.16 2.96 -0.28
C ALA A 56 -14.61 3.35 -0.37
N ALA A 57 -15.29 2.93 -1.44
CA ALA A 57 -16.70 3.21 -1.65
C ALA A 57 -17.54 2.71 -0.48
N ARG A 58 -17.30 1.48 -0.05
CA ARG A 58 -18.09 0.86 1.02
C ARG A 58 -17.86 1.56 2.35
N GLU A 59 -16.60 1.81 2.73
CA GLU A 59 -16.38 2.49 4.01
C GLU A 59 -16.95 3.89 4.00
N VAL A 60 -16.82 4.59 2.87
CA VAL A 60 -17.34 5.95 2.85
C VAL A 60 -18.86 5.91 2.99
N MET A 61 -19.51 4.93 2.33
CA MET A 61 -20.95 4.82 2.45
C MET A 61 -21.36 4.48 3.87
N GLU A 62 -20.64 3.55 4.51
CA GLU A 62 -21.01 3.15 5.86
C GLU A 62 -20.86 4.28 6.85
N GLU A 63 -19.83 5.11 6.68
CA GLU A 63 -19.49 6.11 7.67
C GLU A 63 -20.16 7.44 7.41
N THR A 64 -20.40 7.77 6.16
CA THR A 64 -20.85 9.10 5.79
C THR A 64 -22.13 9.09 4.98
N GLY A 65 -22.58 7.94 4.48
CA GLY A 65 -23.72 7.91 3.58
C GLY A 65 -23.44 8.40 2.17
N LEU A 66 -22.22 8.85 1.87
CA LEU A 66 -21.93 9.48 0.58
C LEU A 66 -21.61 8.44 -0.47
N LYS A 67 -22.03 8.72 -1.69
CA LYS A 67 -21.74 7.89 -2.85
C LYS A 67 -20.60 8.56 -3.62
N ILE A 68 -19.50 7.83 -3.80
CA ILE A 68 -18.31 8.38 -4.44
C ILE A 68 -17.98 7.53 -5.66
N GLU A 69 -17.11 8.07 -6.50
CA GLU A 69 -16.73 7.47 -7.76
C GLU A 69 -15.36 8.01 -8.12
N LYS A 70 -14.79 7.45 -9.19
CA LYS A 70 -13.53 7.89 -9.76
C LYS A 70 -12.38 7.64 -8.79
N MET A 71 -12.49 6.54 -8.04
CA MET A 71 -11.52 6.16 -7.03
C MET A 71 -10.18 5.96 -7.70
N LYS A 72 -9.15 6.62 -7.18
CA LYS A 72 -7.83 6.52 -7.75
C LYS A 72 -6.81 6.39 -6.64
N LEU A 73 -5.86 5.50 -6.84
CA LEU A 73 -4.84 5.25 -5.84
C LEU A 73 -3.92 6.47 -5.71
N LEU A 74 -3.67 6.90 -4.49
CA LEU A 74 -2.70 7.97 -4.24
C LEU A 74 -1.40 7.37 -3.71
N THR A 75 -1.40 6.84 -2.50
CA THR A 75 -0.14 6.33 -1.95
C THR A 75 -0.43 5.40 -0.78
N VAL A 76 0.63 4.96 -0.15
CA VAL A 76 0.50 4.05 0.99
C VAL A 76 1.46 4.53 2.06
N THR A 77 1.01 4.43 3.30
CA THR A 77 1.84 4.84 4.43
C THR A 77 1.81 3.75 5.47
N ASN A 78 2.90 3.69 6.21
CA ASN A 78 3.13 2.71 7.24
C ASN A 78 3.00 3.37 8.60
N ASN A 79 2.04 2.93 9.40
CA ASN A 79 1.67 3.62 10.63
C ASN A 79 1.76 2.65 11.81
N VAL A 80 2.84 2.71 12.57
CA VAL A 80 2.97 1.90 13.78
C VAL A 80 2.53 2.74 14.98
N PHE A 81 1.59 2.23 15.74
CA PHE A 81 1.05 2.97 16.89
C PHE A 81 1.65 2.36 18.15
N LYS A 82 2.79 2.93 18.55
CA LYS A 82 3.52 2.48 19.74
C LYS A 82 2.66 2.58 21.00
N GLU A 83 2.24 3.79 21.35
CA GLU A 83 1.48 4.00 22.58
C GLU A 83 0.00 3.84 22.27
N ALA A 84 -0.43 2.58 22.24
CA ALA A 84 -1.82 2.23 22.05
C ALA A 84 -2.22 1.19 23.09
N PRO A 85 -3.52 1.13 23.47
CA PRO A 85 -3.98 0.06 24.37
C PRO A 85 -3.37 -1.29 24.03
N THR A 86 -3.47 -1.67 22.76
CA THR A 86 -2.85 -2.85 22.20
C THR A 86 -1.92 -2.42 21.06
N PRO A 87 -0.73 -3.01 20.93
CA PRO A 87 0.18 -2.56 19.87
C PRO A 87 -0.48 -2.72 18.50
N SER A 88 -0.45 -1.65 17.71
CA SER A 88 -1.16 -1.62 16.43
C SER A 88 -0.23 -1.20 15.30
N HIS A 89 -0.35 -1.89 14.17
CA HIS A 89 0.44 -1.59 12.98
C HIS A 89 -0.53 -1.62 11.81
N TYR A 90 -0.76 -0.47 11.20
CA TYR A 90 -1.62 -0.37 10.04
C TYR A 90 -0.87 0.15 8.84
N VAL A 91 -1.13 -0.47 7.71
CA VAL A 91 -0.67 0.03 6.43
C VAL A 91 -1.88 0.70 5.76
N SER A 92 -1.75 1.98 5.48
CA SER A 92 -2.84 2.82 5.06
C SER A 92 -2.73 3.11 3.57
N VAL A 93 -3.66 2.61 2.80
CA VAL A 93 -3.71 2.91 1.38
C VAL A 93 -4.63 4.10 1.19
N SER A 94 -4.17 5.13 0.49
CA SER A 94 -4.98 6.33 0.31
C SER A 94 -5.52 6.36 -1.11
N ILE A 95 -6.78 6.75 -1.20
CA ILE A 95 -7.55 6.78 -2.43
C ILE A 95 -8.12 8.19 -2.54
N ARG A 96 -8.03 8.80 -3.71
CA ARG A 96 -8.87 9.97 -3.96
C ARG A 96 -10.14 9.57 -4.73
N ALA A 97 -11.18 10.34 -4.51
CA ALA A 97 -12.53 10.06 -4.99
C ALA A 97 -13.28 11.38 -5.04
N VAL A 98 -14.34 11.39 -5.83
CA VAL A 98 -15.26 12.51 -5.89
C VAL A 98 -16.67 11.99 -5.64
N LEU A 99 -17.55 12.92 -5.30
CA LEU A 99 -18.98 12.64 -5.17
C LEU A 99 -19.62 12.27 -6.51
N VAL A 100 -20.53 11.31 -6.46
CA VAL A 100 -21.36 11.02 -7.63
C VAL A 100 -22.33 12.18 -7.85
N ASP A 101 -23.18 12.44 -6.87
CA ASP A 101 -24.12 13.55 -6.93
C ASP A 101 -23.49 14.75 -6.26
N PRO A 102 -23.19 15.82 -6.99
CA PRO A 102 -22.43 16.92 -6.41
C PRO A 102 -23.17 17.67 -5.31
N SER A 103 -24.49 17.47 -5.13
CA SER A 103 -25.25 18.14 -4.09
C SER A 103 -25.27 17.38 -2.79
N GLN A 104 -24.66 16.18 -2.69
CA GLN A 104 -24.79 15.37 -1.47
C GLN A 104 -24.04 15.98 -0.30
N GLU A 105 -24.55 15.67 0.88
CA GLU A 105 -23.99 16.12 2.13
C GLU A 105 -23.83 14.90 3.03
N PRO A 106 -22.74 14.84 3.77
CA PRO A 106 -22.51 13.69 4.64
C PRO A 106 -23.50 13.67 5.79
N LYS A 107 -23.63 12.48 6.34
CA LYS A 107 -24.34 12.23 7.58
C LYS A 107 -23.42 11.44 8.47
N ASN A 108 -23.56 11.64 9.79
CA ASN A 108 -22.73 10.89 10.74
C ASN A 108 -23.42 9.56 11.03
N MET A 109 -23.15 8.60 10.15
CA MET A 109 -23.80 7.31 10.20
C MET A 109 -23.31 6.42 11.33
N GLU A 110 -22.11 6.68 11.86
CA GLU A 110 -21.52 5.87 12.94
C GLU A 110 -21.07 6.79 14.05
N PRO A 111 -22.01 7.36 14.81
CA PRO A 111 -21.64 8.35 15.84
C PRO A 111 -20.78 7.75 16.96
N GLU A 112 -20.71 6.43 17.06
CA GLU A 112 -19.87 5.78 18.04
C GLU A 112 -18.39 5.87 17.66
N LYS A 113 -18.08 6.06 16.39
CA LYS A 113 -16.71 6.11 15.91
C LYS A 113 -16.30 7.50 15.42
N CYS A 114 -17.24 8.44 15.31
CA CYS A 114 -16.95 9.74 14.73
C CYS A 114 -17.86 10.82 15.31
N GLU A 115 -17.29 11.99 15.62
CA GLU A 115 -18.08 13.12 16.13
C GLU A 115 -18.92 13.80 15.05
N GLY A 116 -18.58 13.61 13.79
CA GLY A 116 -19.26 14.25 12.67
C GLY A 116 -18.28 14.52 11.54
N TRP A 117 -18.81 14.65 10.34
CA TRP A 117 -18.02 14.92 9.15
C TRP A 117 -18.25 16.33 8.66
N ASP A 118 -17.21 16.97 8.15
CA ASP A 118 -17.38 18.26 7.53
C ASP A 118 -16.35 18.39 6.44
N TRP A 119 -16.61 19.36 5.55
CA TRP A 119 -15.68 19.72 4.49
C TRP A 119 -14.72 20.76 5.01
N TYR A 120 -13.43 20.56 4.75
CA TYR A 120 -12.39 21.50 5.17
C TYR A 120 -11.55 21.89 3.98
N ASP A 121 -11.43 23.19 3.76
CA ASP A 121 -10.58 23.69 2.69
C ASP A 121 -9.14 23.23 2.91
N TRP A 122 -8.49 22.83 1.82
CA TRP A 122 -7.12 22.38 1.91
C TRP A 122 -6.22 23.44 2.53
N GLU A 123 -6.53 24.70 2.32
CA GLU A 123 -5.71 25.82 2.87
C GLU A 123 -6.14 26.21 4.29
N ASN A 124 -7.15 25.60 4.87
CA ASN A 124 -7.60 25.94 6.21
C ASN A 124 -8.00 24.66 6.92
N LEU A 125 -7.05 23.73 7.01
CA LEU A 125 -7.36 22.45 7.61
C LEU A 125 -7.50 22.61 9.13
N PRO A 126 -8.31 21.77 9.77
CA PRO A 126 -8.43 21.83 11.22
C PRO A 126 -7.28 21.10 11.90
N LYS A 127 -7.20 21.31 13.21
CA LYS A 127 -6.20 20.75 14.09
C LYS A 127 -6.87 20.23 15.35
N PRO A 128 -6.32 19.19 15.98
CA PRO A 128 -5.18 18.38 15.53
C PRO A 128 -5.57 17.35 14.49
N LEU A 129 -4.76 17.19 13.46
CA LEU A 129 -4.93 16.09 12.54
C LEU A 129 -4.42 14.80 13.17
N PHE A 130 -5.14 13.71 12.93
CA PHE A 130 -4.64 12.37 13.23
C PHE A 130 -3.17 12.26 12.79
N TRP A 131 -2.31 11.75 13.66
CA TRP A 131 -0.88 11.95 13.43
C TRP A 131 -0.38 11.31 12.14
N PRO A 132 -0.90 10.19 11.62
CA PRO A 132 -0.43 9.75 10.30
C PRO A 132 -0.74 10.75 9.22
N LEU A 133 -1.88 11.45 9.34
CA LEU A 133 -2.25 12.43 8.34
C LEU A 133 -1.38 13.67 8.46
N GLU A 134 -1.04 14.06 9.69
CA GLU A 134 -0.14 15.19 9.90
C GLU A 134 1.22 14.91 9.28
N LYS A 135 1.71 13.69 9.45
CA LYS A 135 3.02 13.33 8.94
C LYS A 135 2.98 13.24 7.41
N LEU A 136 1.88 12.73 6.86
CA LEU A 136 1.74 12.69 5.41
C LEU A 136 1.69 14.10 4.84
N PHE A 137 0.90 14.98 5.45
CA PHE A 137 0.86 16.32 4.90
C PHE A 137 2.19 17.05 5.13
N GLY A 138 2.86 16.74 6.24
CA GLY A 138 4.16 17.36 6.53
C GLY A 138 5.23 16.99 5.55
N SER A 139 5.06 15.86 4.86
CA SER A 139 5.96 15.45 3.78
C SER A 139 5.77 16.23 2.49
N GLY A 140 4.70 17.03 2.37
CA GLY A 140 4.41 17.74 1.15
C GLY A 140 3.31 17.10 0.33
N PHE A 141 2.72 16.00 0.81
CA PHE A 141 1.71 15.30 0.05
C PHE A 141 0.50 16.20 -0.17
N ASN A 142 -0.01 16.19 -1.38
CA ASN A 142 -1.20 16.98 -1.71
C ASN A 142 -2.11 16.13 -2.58
N PRO A 143 -3.32 15.77 -2.12
CA PRO A 143 -4.18 14.89 -2.92
C PRO A 143 -4.71 15.55 -4.18
N PHE A 144 -4.65 16.88 -4.28
CA PHE A 144 -5.17 17.65 -5.40
C PHE A 144 -4.22 17.68 -6.61
N THR A 145 -2.98 17.22 -6.44
CA THR A 145 -1.95 17.26 -7.48
C THR A 145 -1.33 15.89 -7.71
N HIS A 146 -1.23 15.06 -6.65
CA HIS A 146 -0.44 13.80 -6.60
C HIS A 146 -0.84 12.76 -7.65
N ALA B 9 -8.77 -15.40 7.60
CA ALA B 9 -8.43 -14.92 6.27
C ALA B 9 -8.62 -13.40 6.17
N ILE B 10 -7.52 -12.66 6.25
CA ILE B 10 -7.53 -11.22 6.08
C ILE B 10 -6.44 -10.84 5.10
N PRO B 11 -6.50 -9.64 4.53
CA PRO B 11 -5.40 -9.19 3.66
C PRO B 11 -4.11 -9.07 4.45
N ARG B 12 -3.01 -9.47 3.82
CA ARG B 12 -1.69 -9.46 4.42
C ARG B 12 -0.78 -8.57 3.61
N VAL B 13 0.18 -7.96 4.28
CA VAL B 13 1.09 -7.01 3.62
C VAL B 13 2.40 -7.68 3.27
N ALA B 14 2.80 -7.51 2.04
CA ALA B 14 4.08 -7.94 1.52
C ALA B 14 4.79 -6.73 0.95
N VAL B 15 6.11 -6.78 0.97
CA VAL B 15 6.97 -5.81 0.33
C VAL B 15 7.75 -6.55 -0.73
N VAL B 16 7.80 -5.96 -1.90
CA VAL B 16 8.54 -6.48 -3.03
C VAL B 16 9.49 -5.40 -3.46
N VAL B 17 10.61 -5.80 -4.04
CA VAL B 17 11.71 -4.90 -4.31
C VAL B 17 12.10 -4.99 -5.78
N PHE B 18 12.08 -3.85 -6.45
CA PHE B 18 12.71 -3.67 -7.75
C PHE B 18 14.16 -3.28 -7.49
N ILE B 19 15.09 -4.21 -7.71
CA ILE B 19 16.52 -3.92 -7.58
C ILE B 19 17.01 -3.51 -8.95
N LEU B 20 17.28 -2.23 -9.11
CA LEU B 20 17.65 -1.66 -10.38
C LEU B 20 19.16 -1.76 -10.55
N ASN B 21 19.60 -2.30 -11.71
CA ASN B 21 20.99 -2.65 -12.02
C ASN B 21 21.17 -2.34 -13.51
N GLY B 22 21.62 -1.13 -13.81
CA GLY B 22 21.72 -0.70 -15.19
C GLY B 22 20.34 -0.50 -15.79
N ASN B 23 19.99 -1.33 -16.77
CA ASN B 23 18.67 -1.30 -17.36
C ASN B 23 17.82 -2.51 -16.92
N SER B 24 18.25 -3.20 -15.88
CA SER B 24 17.75 -4.52 -15.58
C SER B 24 17.20 -4.59 -14.15
N ILE B 25 16.31 -5.55 -13.94
CA ILE B 25 15.80 -5.84 -12.61
C ILE B 25 16.06 -7.30 -12.31
N LEU B 26 16.11 -7.60 -11.02
CA LEU B 26 16.27 -8.96 -10.52
C LEU B 26 14.93 -9.68 -10.50
N LEU B 27 14.85 -10.82 -11.19
CA LEU B 27 13.69 -11.69 -11.13
C LEU B 27 14.12 -13.14 -10.95
N GLY B 28 13.22 -13.91 -10.35
CA GLY B 28 13.43 -15.34 -10.25
C GLY B 28 12.10 -16.06 -10.30
N ARG B 29 12.17 -17.33 -10.70
CA ARG B 29 10.96 -18.14 -10.86
C ARG B 29 10.54 -18.64 -9.50
N ARG B 30 9.26 -18.47 -9.19
CA ARG B 30 8.78 -18.90 -7.88
C ARG B 30 8.64 -20.42 -7.81
N ARG B 31 8.95 -20.96 -6.63
CA ARG B 31 8.52 -22.29 -6.21
C ARG B 31 7.52 -22.08 -5.09
N SER B 32 6.24 -22.34 -5.37
CA SER B 32 5.20 -21.88 -4.46
C SER B 32 3.86 -22.42 -4.94
N SER B 33 2.91 -22.50 -4.02
CA SER B 33 1.55 -22.87 -4.39
C SER B 33 0.85 -21.75 -5.17
N ILE B 34 1.44 -20.56 -5.20
CA ILE B 34 0.84 -19.39 -5.83
C ILE B 34 1.83 -18.84 -6.84
N GLY B 35 1.45 -18.85 -8.12
CA GLY B 35 2.29 -18.34 -9.16
C GLY B 35 3.51 -19.21 -9.42
N ASN B 36 3.38 -20.51 -9.19
CA ASN B 36 4.53 -21.40 -9.32
C ASN B 36 5.14 -21.23 -10.70
N SER B 37 6.47 -21.07 -10.76
CA SER B 37 7.26 -21.06 -11.97
C SER B 37 7.23 -19.72 -12.68
N THR B 38 6.42 -18.75 -12.22
CA THR B 38 6.44 -17.41 -12.81
C THR B 38 7.56 -16.58 -12.21
N PHE B 39 8.02 -15.63 -13.01
CA PHE B 39 9.08 -14.73 -12.63
C PHE B 39 8.50 -13.63 -11.72
N ALA B 40 9.09 -13.49 -10.53
CA ALA B 40 8.65 -12.56 -9.50
C ALA B 40 9.86 -11.82 -8.94
N LEU B 41 9.60 -10.75 -8.21
CA LEU B 41 10.63 -9.95 -7.56
C LEU B 41 10.98 -10.55 -6.21
N PRO B 42 12.14 -10.22 -5.66
CA PRO B 42 12.40 -10.57 -4.25
C PRO B 42 11.50 -9.76 -3.34
N GLY B 43 11.12 -10.36 -2.21
CA GLY B 43 10.22 -9.70 -1.28
C GLY B 43 9.68 -10.70 -0.30
N GLY B 44 8.85 -10.20 0.61
CA GLY B 44 8.24 -11.06 1.60
C GLY B 44 7.31 -10.29 2.51
N HIS B 45 6.92 -10.97 3.58
CA HIS B 45 5.90 -10.45 4.48
C HIS B 45 6.47 -9.33 5.34
N LEU B 46 5.68 -8.27 5.51
CA LEU B 46 6.05 -7.21 6.43
C LEU B 46 5.80 -7.69 7.86
N GLU B 47 6.81 -7.50 8.70
CA GLU B 47 6.71 -7.92 10.09
C GLU B 47 6.22 -6.75 10.93
N PHE B 48 5.50 -7.09 11.99
CA PHE B 48 4.97 -6.07 12.88
C PHE B 48 6.05 -5.07 13.30
N GLY B 49 5.69 -3.79 13.34
CA GLY B 49 6.56 -2.70 13.70
C GLY B 49 7.66 -2.35 12.73
N GLU B 50 7.78 -3.08 11.62
CA GLU B 50 8.85 -2.88 10.64
C GLU B 50 8.45 -1.79 9.62
N SER B 51 9.43 -1.00 9.18
CA SER B 51 9.20 -0.09 8.07
C SER B 51 9.36 -0.80 6.73
N PHE B 52 8.74 -0.23 5.70
CA PHE B 52 8.86 -0.81 4.36
C PHE B 52 10.32 -1.00 3.98
N GLU B 53 11.17 -0.03 4.36
CA GLU B 53 12.58 -0.03 3.96
C GLU B 53 13.34 -1.15 4.66
N GLU B 54 13.14 -1.31 5.97
CA GLU B 54 13.75 -2.41 6.71
C GLU B 54 13.33 -3.75 6.13
N CYS B 55 12.02 -3.93 5.87
CA CYS B 55 11.55 -5.19 5.32
C CYS B 55 12.17 -5.46 3.96
N ALA B 56 12.22 -4.43 3.11
CA ALA B 56 12.82 -4.61 1.80
C ALA B 56 14.24 -5.15 1.93
N ALA B 57 15.06 -4.47 2.75
CA ALA B 57 16.48 -4.83 2.91
C ALA B 57 16.61 -6.22 3.52
N ARG B 58 15.79 -6.54 4.52
CA ARG B 58 15.86 -7.85 5.16
C ARG B 58 15.49 -8.97 4.18
N GLU B 59 14.44 -8.79 3.38
CA GLU B 59 13.96 -9.86 2.49
C GLU B 59 14.90 -10.09 1.32
N VAL B 60 15.47 -9.02 0.76
CA VAL B 60 16.43 -9.16 -0.30
C VAL B 60 17.66 -9.88 0.24
N MET B 61 18.08 -9.55 1.47
CA MET B 61 19.24 -10.22 2.09
C MET B 61 18.94 -11.69 2.33
N GLU B 62 17.79 -11.99 2.95
CA GLU B 62 17.40 -13.38 3.23
C GLU B 62 17.34 -14.21 1.96
N GLU B 63 16.95 -13.62 0.83
CA GLU B 63 16.56 -14.38 -0.35
C GLU B 63 17.64 -14.39 -1.43
N THR B 64 18.44 -13.34 -1.50
CA THR B 64 19.40 -13.19 -2.56
C THR B 64 20.82 -12.96 -2.05
N GLY B 65 21.00 -12.75 -0.74
CA GLY B 65 22.25 -12.26 -0.19
C GLY B 65 22.67 -10.86 -0.58
N LEU B 66 21.93 -10.19 -1.46
CA LEU B 66 22.36 -8.88 -1.98
C LEU B 66 22.14 -7.77 -0.95
N LYS B 67 23.01 -6.77 -0.99
CA LYS B 67 22.91 -5.59 -0.15
C LYS B 67 22.41 -4.43 -0.98
N ILE B 68 21.32 -3.83 -0.54
CA ILE B 68 20.66 -2.78 -1.28
C ILE B 68 20.62 -1.51 -0.45
N GLU B 69 20.54 -0.39 -1.13
CA GLU B 69 20.45 0.92 -0.49
C GLU B 69 19.60 1.81 -1.39
N LYS B 70 19.29 3.01 -0.88
CA LYS B 70 18.56 4.02 -1.66
C LYS B 70 17.16 3.53 -2.01
N MET B 71 16.52 2.94 -1.00
CA MET B 71 15.15 2.47 -1.13
C MET B 71 14.18 3.64 -1.22
N LYS B 72 13.26 3.55 -2.16
CA LYS B 72 12.24 4.55 -2.39
C LYS B 72 10.92 3.81 -2.60
N LEU B 73 9.88 4.22 -1.88
CA LEU B 73 8.54 3.70 -2.12
C LEU B 73 8.10 3.98 -3.56
N LEU B 74 7.62 2.95 -4.23
CA LEU B 74 7.04 3.11 -5.56
C LEU B 74 5.51 3.14 -5.47
N THR B 75 4.87 2.02 -5.18
CA THR B 75 3.40 1.98 -5.23
C THR B 75 2.91 0.79 -4.38
N VAL B 76 1.63 0.49 -4.50
CA VAL B 76 1.01 -0.62 -3.79
C VAL B 76 0.01 -1.25 -4.74
N THR B 77 -0.10 -2.59 -4.70
CA THR B 77 -1.04 -3.33 -5.52
C THR B 77 -1.83 -4.27 -4.61
N ASN B 78 -2.99 -4.64 -5.07
CA ASN B 78 -3.92 -5.43 -4.28
C ASN B 78 -4.04 -6.76 -5.00
N ASN B 79 -3.55 -7.82 -4.39
CA ASN B 79 -3.40 -9.11 -5.10
C ASN B 79 -4.27 -10.16 -4.40
N VAL B 80 -5.39 -10.51 -5.01
CA VAL B 80 -6.30 -11.48 -4.42
C VAL B 80 -6.10 -12.79 -5.19
N PHE B 81 -5.84 -13.87 -4.45
CA PHE B 81 -5.53 -15.18 -5.03
C PHE B 81 -6.61 -16.14 -4.57
N LYS B 82 -7.73 -16.17 -5.30
CA LYS B 82 -8.84 -17.03 -4.95
C LYS B 82 -8.58 -18.48 -5.33
N GLU B 83 -7.85 -18.70 -6.42
CA GLU B 83 -7.53 -20.05 -6.89
C GLU B 83 -6.43 -20.72 -6.09
N ALA B 84 -6.01 -20.14 -5.00
CA ALA B 84 -4.94 -20.77 -4.23
C ALA B 84 -5.49 -21.95 -3.45
N PRO B 85 -4.64 -22.93 -3.13
CA PRO B 85 -5.09 -24.02 -2.24
C PRO B 85 -5.77 -23.48 -1.00
N THR B 86 -5.16 -22.50 -0.35
CA THR B 86 -5.86 -21.66 0.60
C THR B 86 -6.00 -20.27 0.00
N PRO B 87 -7.21 -19.75 -0.23
CA PRO B 87 -7.34 -18.39 -0.75
C PRO B 87 -6.47 -17.40 0.04
N SER B 88 -5.83 -16.51 -0.71
CA SER B 88 -4.90 -15.55 -0.15
C SER B 88 -5.18 -14.17 -0.69
N HIS B 89 -4.82 -13.16 0.11
CA HIS B 89 -5.00 -11.77 -0.27
C HIS B 89 -3.80 -11.02 0.28
N TYR B 90 -2.96 -10.55 -0.61
CA TYR B 90 -1.77 -9.81 -0.26
C TYR B 90 -1.88 -8.40 -0.81
N VAL B 91 -1.59 -7.43 0.02
CA VAL B 91 -1.38 -6.07 -0.42
C VAL B 91 0.13 -5.85 -0.51
N SER B 92 0.58 -5.52 -1.71
CA SER B 92 1.97 -5.63 -2.08
C SER B 92 2.53 -4.22 -2.24
N VAL B 93 3.47 -3.87 -1.36
CA VAL B 93 4.11 -2.56 -1.38
C VAL B 93 5.43 -2.68 -2.14
N SER B 94 5.55 -1.94 -3.24
CA SER B 94 6.70 -1.93 -4.13
C SER B 94 7.73 -0.88 -3.68
N ILE B 95 8.99 -1.28 -3.70
CA ILE B 95 10.14 -0.48 -3.25
C ILE B 95 11.19 -0.57 -4.36
N ARG B 96 11.75 0.55 -4.76
CA ARG B 96 12.87 0.52 -5.70
C ARG B 96 14.15 0.60 -4.90
N ALA B 97 15.22 0.06 -5.47
CA ALA B 97 16.51 0.09 -4.79
C ALA B 97 17.61 -0.25 -5.78
N VAL B 98 18.85 -0.17 -5.29
CA VAL B 98 20.03 -0.43 -6.08
C VAL B 98 21.02 -1.16 -5.19
N LEU B 99 21.98 -1.80 -5.85
CA LEU B 99 23.04 -2.50 -5.13
C LEU B 99 24.01 -1.51 -4.51
N VAL B 100 24.39 -1.78 -3.26
CA VAL B 100 25.56 -1.14 -2.70
C VAL B 100 26.77 -1.35 -3.61
N ASP B 101 27.03 -2.60 -3.98
CA ASP B 101 28.14 -2.93 -4.87
C ASP B 101 27.59 -3.48 -6.17
N PRO B 102 27.57 -2.70 -7.26
CA PRO B 102 26.90 -3.16 -8.49
C PRO B 102 27.45 -4.45 -9.06
N SER B 103 28.67 -4.82 -8.72
CA SER B 103 29.27 -6.07 -9.18
C SER B 103 28.78 -7.28 -8.39
N GLN B 104 28.29 -7.07 -7.17
CA GLN B 104 27.76 -8.15 -6.36
C GLN B 104 26.76 -8.98 -7.16
N GLU B 105 26.87 -10.32 -7.05
CA GLU B 105 25.99 -11.16 -7.84
C GLU B 105 25.06 -11.94 -6.91
N PRO B 106 23.81 -12.20 -7.34
CA PRO B 106 22.84 -12.85 -6.45
C PRO B 106 23.26 -14.27 -6.09
N LYS B 107 22.76 -14.71 -4.94
CA LYS B 107 22.81 -16.11 -4.55
C LYS B 107 21.40 -16.60 -4.25
N ASN B 108 21.09 -17.84 -4.61
CA ASN B 108 19.78 -18.42 -4.33
C ASN B 108 19.72 -18.99 -2.92
N MET B 109 19.49 -18.10 -1.95
CA MET B 109 19.58 -18.48 -0.55
C MET B 109 18.44 -19.34 -0.07
N GLU B 110 17.27 -19.31 -0.72
CA GLU B 110 16.14 -20.14 -0.32
C GLU B 110 15.66 -20.97 -1.50
N PRO B 111 16.40 -22.02 -1.86
CA PRO B 111 16.06 -22.80 -3.07
C PRO B 111 14.69 -23.44 -2.99
N GLU B 112 14.16 -23.58 -1.78
CA GLU B 112 12.82 -24.11 -1.58
C GLU B 112 11.73 -23.15 -2.06
N LYS B 113 12.02 -21.85 -2.20
CA LYS B 113 11.05 -20.83 -2.60
C LYS B 113 11.33 -20.21 -3.96
N CYS B 114 12.49 -20.48 -4.53
CA CYS B 114 12.90 -19.81 -5.75
C CYS B 114 13.77 -20.74 -6.53
N GLU B 115 13.62 -20.72 -7.85
CA GLU B 115 14.52 -21.47 -8.73
C GLU B 115 15.85 -20.79 -8.90
N GLY B 116 15.92 -19.49 -8.69
CA GLY B 116 17.16 -18.78 -8.92
C GLY B 116 16.88 -17.38 -9.40
N TRP B 117 17.87 -16.52 -9.23
CA TRP B 117 17.76 -15.09 -9.47
C TRP B 117 18.62 -14.72 -10.65
N ASP B 118 18.16 -13.77 -11.44
CA ASP B 118 18.93 -13.29 -12.58
C ASP B 118 18.49 -11.88 -12.92
N TRP B 119 19.37 -11.19 -13.63
CA TRP B 119 19.08 -9.85 -14.12
C TRP B 119 18.38 -9.93 -15.47
N TYR B 120 17.27 -9.22 -15.60
CA TYR B 120 16.54 -9.20 -16.86
C TYR B 120 16.37 -7.75 -17.31
N ASP B 121 16.61 -7.51 -18.59
CA ASP B 121 16.51 -6.16 -19.13
C ASP B 121 15.05 -5.72 -19.16
N TRP B 122 14.81 -4.47 -18.76
CA TRP B 122 13.45 -3.92 -18.75
C TRP B 122 12.76 -4.12 -20.10
N GLU B 123 13.52 -3.97 -21.19
CA GLU B 123 12.99 -4.06 -22.54
C GLU B 123 12.88 -5.50 -23.05
N ASN B 124 13.41 -6.48 -22.33
CA ASN B 124 13.34 -7.87 -22.73
C ASN B 124 13.07 -8.71 -21.49
N LEU B 125 11.82 -8.62 -20.97
CA LEU B 125 11.53 -9.32 -19.74
C LEU B 125 11.14 -10.76 -20.01
N PRO B 126 11.39 -11.64 -19.06
CA PRO B 126 10.98 -13.03 -19.21
C PRO B 126 9.46 -13.18 -19.07
N LYS B 127 8.99 -14.34 -19.51
CA LYS B 127 7.60 -14.76 -19.41
C LYS B 127 7.58 -16.17 -18.84
N PRO B 128 6.54 -16.54 -18.07
CA PRO B 128 5.43 -15.69 -17.64
C PRO B 128 5.82 -14.91 -16.40
N LEU B 129 5.49 -13.61 -16.36
CA LEU B 129 5.59 -12.87 -15.12
C LEU B 129 4.49 -13.29 -14.18
N PHE B 130 4.83 -13.34 -12.90
CA PHE B 130 3.84 -13.44 -11.85
C PHE B 130 2.75 -12.39 -12.13
N TRP B 131 1.49 -12.80 -12.10
CA TRP B 131 0.53 -11.95 -12.80
C TRP B 131 0.33 -10.59 -12.10
N PRO B 132 0.54 -10.43 -10.78
CA PRO B 132 0.51 -9.07 -10.22
C PRO B 132 1.53 -8.15 -10.83
N LEU B 133 2.67 -8.70 -11.23
CA LEU B 133 3.72 -7.93 -11.83
C LEU B 133 3.41 -7.66 -13.30
N GLU B 134 2.77 -8.61 -14.00
CA GLU B 134 2.34 -8.33 -15.36
C GLU B 134 1.24 -7.28 -15.39
N LYS B 135 0.25 -7.40 -14.49
CA LYS B 135 -0.79 -6.38 -14.40
C LYS B 135 -0.19 -5.01 -14.09
N LEU B 136 0.86 -4.95 -13.26
CA LEU B 136 1.47 -3.67 -12.90
C LEU B 136 2.16 -3.03 -14.10
N PHE B 137 2.99 -3.81 -14.81
CA PHE B 137 3.65 -3.32 -16.02
C PHE B 137 2.64 -2.99 -17.12
N GLY B 138 1.57 -3.77 -17.25
CA GLY B 138 0.53 -3.43 -18.21
C GLY B 138 -0.09 -2.06 -17.98
N SER B 139 -0.12 -1.61 -16.74
CA SER B 139 -0.59 -0.25 -16.41
C SER B 139 0.35 0.87 -16.89
N GLY B 140 1.50 0.54 -17.47
CA GLY B 140 2.50 1.54 -17.83
C GLY B 140 3.48 1.82 -16.74
N PHE B 141 3.47 1.05 -15.65
CA PHE B 141 4.37 1.30 -14.55
C PHE B 141 5.80 1.02 -14.97
N ASN B 142 6.70 1.91 -14.60
CA ASN B 142 8.12 1.76 -14.90
C ASN B 142 8.87 2.06 -13.60
N PRO B 143 9.61 1.11 -13.05
CA PRO B 143 10.29 1.36 -11.76
C PRO B 143 11.48 2.30 -11.89
N PHE B 144 12.02 2.52 -13.09
CA PHE B 144 13.20 3.37 -13.25
C PHE B 144 12.83 4.85 -13.24
N THR B 145 11.71 5.19 -13.86
CA THR B 145 11.21 6.56 -13.92
C THR B 145 10.36 6.90 -12.68
N HIS B 146 9.27 6.17 -12.49
CA HIS B 146 8.32 6.36 -11.39
C HIS B 146 8.99 6.92 -10.13
P11 IPR C . -12.78 0.74 10.68
O14 IPR C . -13.59 1.77 10.00
O12 IPR C . -12.90 -0.48 9.86
O13 IPR C . -13.52 0.43 11.91
O10 IPR C . -11.21 1.19 10.89
P7 IPR C . -10.55 2.70 11.11
O8 IPR C . -11.34 3.80 10.58
O9 IPR C . -10.48 3.06 12.54
O6 IPR C . -9.04 2.64 10.40
C5 IPR C . -8.17 1.57 10.70
C4 IPR C . -6.78 2.13 11.06
C2 IPR C . -6.97 3.16 12.19
C1 IPR C . -6.21 2.92 13.50
C3 IPR C . -6.95 4.59 11.68
HC51 IPR C . -8.50 1.12 11.45
HC52 IPR C . -8.11 0.97 9.98
HC41 IPR C . -6.40 2.55 10.31
HC42 IPR C . -6.22 1.43 11.36
HC11 IPR C . -6.43 3.59 14.11
HC12 IPR C . -6.44 2.08 13.85
HC13 IPR C . -5.29 2.94 13.34
HC31 IPR C . -6.38 4.64 10.90
HC32 IPR C . -6.60 5.16 12.34
MG MG D . -15.79 1.99 8.83
MG MG E . -13.33 4.39 10.11
MG MG F . -14.65 -1.22 8.92
MG MG G . -10.65 20.90 -8.36
P11 IPR H . 7.73 -14.92 1.74
O14 IPR H . 9.04 -14.35 1.40
O12 IPR H . 7.89 -16.38 1.59
O13 IPR H . 7.62 -14.70 3.19
O10 IPR H . 6.48 -14.26 0.86
P7 IPR H . 6.44 -14.11 -0.79
O8 IPR H . 5.96 -15.35 -1.42
O9 IPR H . 7.79 -13.98 -1.32
O6 IPR H . 5.50 -12.83 -1.24
C5 IPR H . 4.14 -12.82 -0.85
C4 IPR H . 3.34 -11.75 -1.61
C2 IPR H . 3.02 -12.09 -3.08
C1 IPR H . 2.55 -13.53 -3.29
C3 IPR H . 2.06 -11.04 -3.69
HC51 IPR H . 4.10 -12.64 0.07
HC52 IPR H . 3.77 -13.67 -1.01
HC41 IPR H . 3.76 -10.92 -1.56
HC42 IPR H . 2.51 -11.69 -1.16
HC11 IPR H . 2.34 -13.65 -4.20
HC12 IPR H . 1.77 -13.68 -2.78
HC13 IPR H . 3.21 -14.12 -3.03
HC31 IPR H . 1.55 -10.64 -3.00
HC32 IPR H . 1.47 -11.48 -4.30
MG MG I . 10.45 -14.73 -1.42
MG MG J . 9.15 -13.66 4.84
MG MG K . 11.22 -14.28 2.66
#